data_3H6R
#
_entry.id   3H6R
#
_cell.length_a   46.540
_cell.length_b   58.000
_cell.length_c   58.260
_cell.angle_alpha   90.000
_cell.angle_beta   111.200
_cell.angle_gamma   90.000
#
_symmetry.space_group_name_H-M   'P 1 21 1'
#
loop_
_entity.id
_entity.type
_entity.pdbx_description
1 polymer 'Clitocypin analog'
2 polymer 'Clitocypin analog'
3 water water
#
loop_
_entity_poly.entity_id
_entity_poly.type
_entity_poly.pdbx_seq_one_letter_code
_entity_poly.pdbx_strand_id
1 'polypeptide(L)'
;MASLEDGTYRLRAVTTHNPDPGVGGEYATVEGARQPVKAEPSTPPFSEQQIWQVTRNSDGQYTIKYQGLNAPFEYGFSYD
QLEPNAPVIAGDPKEYILQLVPSTADVYIIRAPIQRVGVDVEVGVQGNTLVYKFFPVDGSGGDRPAWRFTRE
;
A
2 'polypeptide(L)'
;MASLEDGTYRLRAVTTHNPDPGVGGEYATVEGARQPVQAEPNTPPFFERQIWQVTRNADGQYTIKYQGLNAPFEYGFSYD
QLEPNAPVIAGDPKEYILQLVPSTADVYIIRAPIQRVGVDVEVGVQGNTLVYKFFPVDGSGGDRPAWRFTRE
;
B
#
# COMPACT_ATOMS: atom_id res chain seq x y z
N MET A 1 0.33 -7.79 11.73
CA MET A 1 0.48 -6.41 11.35
C MET A 1 0.90 -5.69 12.61
N ALA A 2 1.17 -4.43 12.44
CA ALA A 2 1.59 -3.58 13.50
C ALA A 2 1.47 -2.31 12.76
N SER A 3 1.79 -1.23 13.42
CA SER A 3 1.66 0.05 12.77
C SER A 3 0.39 0.23 11.92
N LEU A 4 0.18 1.46 11.57
CA LEU A 4 -0.97 1.87 10.85
C LEU A 4 -1.06 1.23 9.46
N GLU A 5 -2.20 0.64 9.16
CA GLU A 5 -2.43 0.03 7.87
C GLU A 5 -2.71 1.12 6.83
N ASP A 6 -2.35 0.80 5.58
CA ASP A 6 -2.65 1.69 4.49
C ASP A 6 -4.18 1.88 4.37
N GLY A 7 -4.60 3.08 3.91
CA GLY A 7 -6.01 3.33 3.71
C GLY A 7 -6.32 4.82 3.64
N THR A 8 -7.61 5.15 3.72
CA THR A 8 -8.04 6.53 3.66
C THR A 8 -8.50 6.87 5.09
N TYR A 9 -7.99 8.00 5.57
CA TYR A 9 -8.20 8.46 6.93
C TYR A 9 -8.50 9.95 7.03
N ARG A 10 -9.08 10.33 8.17
CA ARG A 10 -9.26 11.74 8.56
C ARG A 10 -8.22 11.89 9.69
N LEU A 11 -7.64 13.06 9.79
CA LEU A 11 -6.59 13.34 10.74
C LEU A 11 -6.98 14.48 11.65
N ARG A 12 -7.22 14.18 12.91
CA ARG A 12 -7.64 15.21 13.86
C ARG A 12 -6.50 15.71 14.75
N ALA A 13 -6.34 17.03 14.86
CA ALA A 13 -5.27 17.64 15.64
C ALA A 13 -5.49 17.45 17.14
N VAL A 14 -4.58 16.71 17.81
CA VAL A 14 -4.66 16.50 19.29
C VAL A 14 -3.21 16.71 19.83
N THR A 15 -2.95 16.29 21.08
CA THR A 15 -1.64 16.37 21.70
C THR A 15 -1.40 15.12 22.49
N THR A 16 -0.14 14.92 22.86
CA THR A 16 0.19 13.76 23.68
C THR A 16 -0.43 13.86 25.09
N HIS A 17 -0.60 15.08 25.58
CA HIS A 17 -1.13 15.22 26.94
C HIS A 17 -2.63 15.20 26.95
N ASN A 18 -3.22 15.44 25.79
CA ASN A 18 -4.68 15.47 25.67
C ASN A 18 -5.01 14.83 24.32
N PRO A 19 -4.80 13.50 24.19
CA PRO A 19 -5.06 12.77 22.94
C PRO A 19 -6.51 12.63 22.60
N ASP A 20 -7.41 12.76 23.57
CA ASP A 20 -8.83 12.62 23.24
C ASP A 20 -9.61 13.79 23.80
N PRO A 21 -9.66 14.91 23.09
CA PRO A 21 -10.38 16.09 23.59
C PRO A 21 -11.91 15.98 23.63
N GLY A 22 -12.50 15.19 22.74
CA GLY A 22 -13.95 15.08 22.77
C GLY A 22 -14.55 15.50 21.43
N VAL A 23 -15.78 15.96 21.41
CA VAL A 23 -16.37 16.35 20.14
C VAL A 23 -15.83 17.72 19.70
N GLY A 24 -15.91 17.97 18.40
CA GLY A 24 -15.51 19.25 17.88
C GLY A 24 -14.06 19.36 17.44
N GLY A 25 -13.59 18.36 16.74
CA GLY A 25 -12.21 18.41 16.30
C GLY A 25 -11.88 19.31 15.12
N GLU A 26 -10.58 19.63 14.98
CA GLU A 26 -10.02 20.40 13.86
C GLU A 26 -9.25 19.27 13.11
N TYR A 27 -9.37 19.26 11.80
CA TYR A 27 -8.86 18.16 10.94
C TYR A 27 -7.99 18.75 9.88
N ALA A 28 -7.01 17.96 9.44
CA ALA A 28 -6.12 18.42 8.42
C ALA A 28 -7.06 18.60 7.22
N THR A 29 -6.83 19.68 6.48
CA THR A 29 -7.71 20.09 5.36
C THR A 29 -6.93 20.63 4.19
N VAL A 30 -7.11 20.03 3.02
CA VAL A 30 -6.40 20.55 1.91
C VAL A 30 -7.07 21.85 1.49
N GLU A 31 -6.31 22.75 0.91
CA GLU A 31 -6.84 24.03 0.49
C GLU A 31 -6.14 24.48 -0.81
N GLY A 32 -5.96 23.54 -1.73
CA GLY A 32 -5.36 23.87 -3.00
C GLY A 32 -3.92 23.48 -3.13
N ALA A 33 -3.51 23.21 -4.38
CA ALA A 33 -2.11 22.88 -4.72
C ALA A 33 -1.14 23.93 -4.21
N ARG A 34 -0.05 23.47 -3.63
CA ARG A 34 1.01 24.35 -3.13
C ARG A 34 0.57 25.35 -2.04
N GLN A 35 -0.63 25.16 -1.50
CA GLN A 35 -1.07 26.00 -0.43
C GLN A 35 -0.94 25.23 0.92
N PRO A 36 -0.86 25.97 2.02
CA PRO A 36 -0.74 25.37 3.36
C PRO A 36 -1.93 24.50 3.63
N VAL A 37 -1.69 23.36 4.29
CA VAL A 37 -2.79 22.50 4.69
C VAL A 37 -3.32 23.17 6.00
N LYS A 38 -4.61 23.21 6.23
CA LYS A 38 -5.14 23.95 7.41
C LYS A 38 -5.80 22.96 8.37
N ALA A 39 -6.18 23.43 9.59
CA ALA A 39 -6.83 22.66 10.63
C ALA A 39 -8.23 23.30 10.66
N GLU A 40 -9.24 22.56 10.23
CA GLU A 40 -10.60 23.13 10.14
C GLU A 40 -11.62 22.12 10.68
N PRO A 41 -12.81 22.59 11.12
CA PRO A 41 -13.84 21.67 11.66
C PRO A 41 -14.41 20.80 10.57
N SER A 42 -14.92 19.64 10.97
CA SER A 42 -15.55 18.71 10.04
C SER A 42 -16.89 19.27 9.68
N THR A 43 -16.94 20.26 8.80
CA THR A 43 -18.22 20.83 8.45
C THR A 43 -18.44 20.84 6.94
N PRO A 44 -19.69 21.11 6.54
CA PRO A 44 -20.07 21.13 5.12
C PRO A 44 -19.10 21.66 4.12
N PRO A 45 -18.62 22.89 4.27
CA PRO A 45 -17.66 23.32 3.24
C PRO A 45 -16.26 22.67 3.18
N PHE A 46 -15.94 21.79 4.13
CA PHE A 46 -14.60 21.15 4.24
C PHE A 46 -14.44 19.64 4.19
N SER A 47 -15.48 18.90 4.52
CA SER A 47 -15.39 17.45 4.63
C SER A 47 -14.69 16.72 3.48
N GLU A 48 -14.97 17.15 2.26
CA GLU A 48 -14.37 16.49 1.12
C GLU A 48 -12.89 16.77 1.04
N GLN A 49 -12.44 17.83 1.71
CA GLN A 49 -11.02 18.17 1.67
C GLN A 49 -10.28 17.58 2.86
N GLN A 50 -10.91 16.71 3.65
CA GLN A 50 -10.31 16.20 4.91
C GLN A 50 -10.01 14.72 4.92
N ILE A 51 -10.06 14.11 3.74
CA ILE A 51 -9.72 12.67 3.68
C ILE A 51 -8.39 12.48 2.99
N TRP A 52 -7.54 11.64 3.61
CA TRP A 52 -6.18 11.46 3.14
C TRP A 52 -5.81 9.98 2.97
N GLN A 53 -5.07 9.66 1.90
CA GLN A 53 -4.60 8.29 1.65
C GLN A 53 -3.27 8.20 2.36
N VAL A 54 -3.16 7.23 3.27
CA VAL A 54 -1.94 7.08 4.06
C VAL A 54 -1.33 5.74 3.59
N THR A 55 -0.04 5.78 3.32
CA THR A 55 0.59 4.60 2.78
C THR A 55 1.98 4.39 3.38
N ARG A 56 2.25 3.16 3.73
CA ARG A 56 3.55 2.88 4.28
C ARG A 56 4.51 2.35 3.17
N ASN A 57 5.69 2.89 3.08
CA ASN A 57 6.66 2.51 2.06
C ASN A 57 7.48 1.31 2.61
N SER A 58 8.26 0.62 1.79
CA SER A 58 9.06 -0.52 2.31
C SER A 58 10.05 -0.11 3.40
N ASP A 59 10.32 1.17 3.43
CA ASP A 59 11.14 1.93 4.40
C ASP A 59 10.58 1.95 5.85
N GLY A 60 9.28 1.71 5.98
CA GLY A 60 8.55 1.86 7.26
C GLY A 60 7.95 3.30 7.44
N GLN A 61 8.24 4.21 6.51
CA GLN A 61 7.76 5.60 6.58
C GLN A 61 6.50 5.80 5.71
N TYR A 62 5.78 6.89 5.97
CA TYR A 62 4.51 7.06 5.31
C TYR A 62 4.36 8.35 4.53
N THR A 63 3.57 8.29 3.47
CA THR A 63 3.15 9.49 2.75
C THR A 63 1.67 9.71 3.20
N ILE A 64 1.21 10.95 3.15
CA ILE A 64 -0.14 11.33 3.54
C ILE A 64 -0.60 12.16 2.35
N LYS A 65 -1.43 11.55 1.49
CA LYS A 65 -1.78 12.19 0.23
C LYS A 65 -3.23 12.56 0.15
N TYR A 66 -3.53 13.63 -0.55
CA TYR A 66 -4.91 14.08 -0.63
C TYR A 66 -5.81 13.34 -1.63
N GLN A 67 -6.95 12.85 -1.14
CA GLN A 67 -7.95 12.21 -2.00
C GLN A 67 -7.40 11.08 -2.87
N GLY A 68 -7.31 9.90 -2.27
CA GLY A 68 -6.84 8.71 -2.97
C GLY A 68 -5.67 8.85 -3.91
N LEU A 69 -5.98 9.14 -5.17
CA LEU A 69 -4.97 9.25 -6.23
C LEU A 69 -5.68 9.48 -7.56
N ASN A 70 -4.94 9.35 -8.66
CA ASN A 70 -5.48 9.47 -10.01
C ASN A 70 -5.52 10.83 -10.72
N ALA A 71 -5.21 11.92 -10.04
CA ALA A 71 -5.20 13.24 -10.73
C ALA A 71 -3.89 13.28 -11.54
N PRO A 72 -3.55 14.43 -12.18
CA PRO A 72 -2.29 14.43 -12.94
C PRO A 72 -1.16 14.17 -11.95
N PHE A 73 -1.19 14.88 -10.84
CA PHE A 73 -0.12 14.76 -9.88
C PHE A 73 -0.62 14.42 -8.49
N GLU A 74 0.16 13.58 -7.77
CA GLU A 74 -0.21 13.23 -6.40
C GLU A 74 0.27 14.40 -5.49
N TYR A 75 -0.62 14.91 -4.66
CA TYR A 75 -0.27 15.98 -3.72
C TYR A 75 -0.48 15.37 -2.31
N GLY A 76 0.36 15.80 -1.36
CA GLY A 76 0.23 15.34 0.02
C GLY A 76 1.01 16.22 0.98
N PHE A 77 1.06 15.87 2.27
CA PHE A 77 1.86 16.64 3.19
C PHE A 77 3.25 16.80 2.62
N SER A 78 3.75 18.02 2.61
CA SER A 78 5.05 18.27 2.05
C SER A 78 5.62 19.52 2.68
N TYR A 79 6.82 19.88 2.25
CA TYR A 79 7.45 21.13 2.68
C TYR A 79 8.38 21.66 1.59
N ASP A 80 8.48 22.98 1.50
CA ASP A 80 9.42 23.59 0.53
C ASP A 80 10.75 23.55 1.24
N GLN A 81 10.86 24.35 2.30
CA GLN A 81 12.04 24.28 3.15
C GLN A 81 11.59 23.85 4.59
N LEU A 82 12.24 22.86 5.19
CA LEU A 82 11.86 22.41 6.54
C LEU A 82 12.52 23.29 7.62
N GLU A 83 11.76 24.25 8.15
CA GLU A 83 12.23 25.21 9.17
C GLU A 83 11.20 25.35 10.24
N PRO A 84 11.58 25.87 11.41
CA PRO A 84 10.65 26.06 12.53
C PRO A 84 9.52 26.94 12.04
N ASN A 85 8.28 26.55 12.36
CA ASN A 85 7.02 27.20 11.97
C ASN A 85 6.73 27.27 10.46
N ALA A 86 7.52 26.60 9.65
CA ALA A 86 7.23 26.57 8.24
C ALA A 86 5.92 25.80 8.06
N PRO A 87 5.10 26.19 7.09
CA PRO A 87 3.82 25.48 6.89
C PRO A 87 3.96 24.15 6.17
N VAL A 88 3.04 23.24 6.49
CA VAL A 88 2.93 21.97 5.82
C VAL A 88 2.17 22.39 4.58
N ILE A 89 2.68 22.05 3.40
CA ILE A 89 1.96 22.41 2.16
C ILE A 89 1.52 21.18 1.37
N ALA A 90 0.44 21.32 0.62
CA ALA A 90 -0.03 20.20 -0.20
C ALA A 90 0.97 20.18 -1.40
N GLY A 91 1.93 19.28 -1.38
CA GLY A 91 2.93 19.31 -2.44
C GLY A 91 3.39 17.91 -2.76
N ASP A 92 4.54 17.79 -3.43
CA ASP A 92 5.04 16.44 -3.69
C ASP A 92 5.10 15.72 -2.32
N PRO A 93 4.42 14.58 -2.19
CA PRO A 93 4.45 13.92 -0.86
C PRO A 93 5.77 13.57 -0.24
N LYS A 94 5.98 14.07 0.95
CA LYS A 94 7.17 13.77 1.69
C LYS A 94 6.89 12.54 2.54
N GLU A 95 7.97 11.98 3.03
CA GLU A 95 7.88 10.82 3.86
C GLU A 95 7.90 11.20 5.35
N TYR A 96 7.12 10.50 6.17
CA TYR A 96 7.10 10.83 7.61
C TYR A 96 7.17 9.59 8.50
N ILE A 97 7.60 9.83 9.72
CA ILE A 97 7.68 8.77 10.72
C ILE A 97 6.40 8.95 11.55
N LEU A 98 5.59 7.90 11.73
CA LEU A 98 4.39 7.99 12.59
C LEU A 98 4.69 7.30 13.94
N GLN A 99 4.59 8.04 15.05
CA GLN A 99 4.95 7.46 16.37
C GLN A 99 3.67 7.36 17.21
N LEU A 100 3.28 6.13 17.53
CA LEU A 100 2.04 5.88 18.27
C LEU A 100 2.11 6.49 19.67
N VAL A 101 1.08 7.25 20.03
CA VAL A 101 1.09 7.88 21.33
C VAL A 101 0.61 6.92 22.47
N PRO A 102 1.42 6.78 23.53
CA PRO A 102 1.09 5.92 24.69
C PRO A 102 -0.38 6.19 25.18
N SER A 103 -1.10 5.11 25.52
CA SER A 103 -2.50 5.08 25.97
C SER A 103 -3.53 5.12 24.82
N THR A 104 -3.03 5.29 23.59
CA THR A 104 -3.95 5.38 22.44
C THR A 104 -3.77 4.26 21.43
N ALA A 105 -4.83 3.94 20.72
CA ALA A 105 -4.75 2.93 19.68
C ALA A 105 -4.55 3.61 18.30
N ASP A 106 -4.74 4.94 18.25
CA ASP A 106 -4.81 5.56 16.95
C ASP A 106 -4.28 7.00 16.85
N VAL A 107 -3.60 7.50 17.88
CA VAL A 107 -3.03 8.82 17.76
C VAL A 107 -1.49 8.76 17.56
N TYR A 108 -1.02 9.52 16.57
CA TYR A 108 0.40 9.47 16.20
C TYR A 108 1.00 10.85 16.05
N ILE A 109 2.24 10.93 16.51
CA ILE A 109 3.01 12.14 16.27
C ILE A 109 3.45 11.91 14.79
N ILE A 110 3.28 12.94 13.97
CA ILE A 110 3.71 12.93 12.58
C ILE A 110 5.09 13.66 12.58
N ARG A 111 6.17 12.88 12.43
CA ARG A 111 7.55 13.36 12.57
C ARG A 111 8.22 13.52 11.22
N ALA A 112 8.85 14.68 10.97
CA ALA A 112 9.52 14.89 9.68
C ALA A 112 11.05 14.71 9.90
N PRO A 113 11.64 13.62 9.40
CA PRO A 113 13.09 13.36 9.54
C PRO A 113 13.94 14.55 9.06
N ILE A 114 14.90 14.91 9.88
CA ILE A 114 15.80 16.00 9.54
C ILE A 114 17.18 15.61 10.04
N GLN A 115 18.23 16.30 9.57
CA GLN A 115 19.59 15.97 10.05
C GLN A 115 19.70 16.21 11.54
N ARG A 116 19.80 17.48 11.92
CA ARG A 116 19.93 17.87 13.32
C ARG A 116 19.83 16.80 14.39
N VAL A 117 20.89 16.70 15.20
CA VAL A 117 20.94 15.73 16.27
C VAL A 117 20.19 16.32 17.46
N GLY A 118 19.55 15.44 18.21
CA GLY A 118 18.80 15.88 19.36
C GLY A 118 17.61 16.79 19.06
N VAL A 119 17.15 16.80 17.83
CA VAL A 119 15.96 17.58 17.40
C VAL A 119 14.90 16.74 16.69
N ASP A 120 13.64 16.96 17.03
CA ASP A 120 12.51 16.23 16.43
C ASP A 120 11.56 17.24 15.84
N VAL A 121 11.29 17.09 14.55
CA VAL A 121 10.39 18.01 13.88
C VAL A 121 9.05 17.30 13.79
N GLU A 122 7.99 17.93 14.28
CA GLU A 122 6.65 17.29 14.34
C GLU A 122 5.64 18.22 13.78
N VAL A 123 4.60 17.65 13.15
CA VAL A 123 3.56 18.48 12.56
C VAL A 123 2.62 18.96 13.67
N GLY A 124 2.48 20.26 13.76
CA GLY A 124 1.62 20.87 14.73
C GLY A 124 0.70 21.88 14.05
N VAL A 125 0.05 22.74 14.85
CA VAL A 125 -0.85 23.73 14.25
C VAL A 125 -0.66 25.12 14.93
N GLN A 126 -0.70 26.20 14.16
CA GLN A 126 -0.57 27.56 14.72
C GLN A 126 -1.60 28.31 13.92
N GLY A 127 -2.62 28.80 14.65
CA GLY A 127 -3.73 29.47 14.03
C GLY A 127 -4.40 28.68 12.90
N ASN A 128 -4.81 27.45 13.15
CA ASN A 128 -5.41 26.70 12.09
C ASN A 128 -4.58 26.41 10.80
N THR A 129 -3.26 26.61 10.85
CA THR A 129 -2.43 26.22 9.73
C THR A 129 -1.52 25.12 10.28
N LEU A 130 -1.40 23.98 9.59
CA LEU A 130 -0.43 22.95 10.00
C LEU A 130 0.97 23.48 9.78
N VAL A 131 1.86 23.33 10.76
CA VAL A 131 3.26 23.81 10.63
C VAL A 131 4.21 22.81 11.30
N TYR A 132 5.49 22.92 10.94
CA TYR A 132 6.55 22.08 11.49
C TYR A 132 7.04 22.70 12.79
N LYS A 133 6.92 21.92 13.87
CA LYS A 133 7.32 22.37 15.19
C LYS A 133 8.61 21.63 15.54
N PHE A 134 9.62 22.38 15.97
CA PHE A 134 10.92 21.79 16.31
C PHE A 134 11.01 21.61 17.81
N PHE A 135 11.36 20.41 18.24
CA PHE A 135 11.47 20.19 19.66
C PHE A 135 12.81 19.56 20.02
N PRO A 136 13.30 19.82 21.24
CA PRO A 136 14.56 19.17 21.60
C PRO A 136 14.13 17.72 22.05
N VAL A 137 14.95 16.72 21.75
CA VAL A 137 14.68 15.36 22.26
C VAL A 137 15.33 15.43 23.64
N ASP A 138 14.58 15.97 24.60
CA ASP A 138 15.09 16.25 25.94
C ASP A 138 14.73 15.27 27.03
N GLY A 139 13.89 14.28 26.73
CA GLY A 139 13.49 13.31 27.74
C GLY A 139 12.55 13.92 28.79
N SER A 140 12.00 15.09 28.50
CA SER A 140 11.14 15.79 29.46
C SER A 140 9.72 15.24 29.64
N GLY A 141 9.25 14.52 28.62
CA GLY A 141 7.88 14.04 28.63
C GLY A 141 6.94 15.23 28.42
N GLY A 142 7.47 16.34 27.89
CA GLY A 142 6.67 17.55 27.66
C GLY A 142 5.59 17.32 26.59
N ASP A 143 4.63 18.26 26.47
CA ASP A 143 3.52 18.14 25.49
C ASP A 143 4.04 18.18 24.04
N ARG A 144 3.47 17.32 23.18
CA ARG A 144 3.85 17.31 21.76
C ARG A 144 2.55 17.22 20.90
N PRO A 145 2.57 17.77 19.67
CA PRO A 145 1.34 17.70 18.86
C PRO A 145 1.25 16.32 18.32
N ALA A 146 0.00 15.87 18.15
CA ALA A 146 -0.23 14.56 17.59
C ALA A 146 -1.57 14.57 16.85
N TRP A 147 -1.82 13.46 16.17
CA TRP A 147 -2.95 13.38 15.29
C TRP A 147 -3.68 12.10 15.42
N ARG A 148 -5.01 12.16 15.61
CA ARG A 148 -5.81 10.96 15.64
C ARG A 148 -6.19 10.56 14.21
N PHE A 149 -5.75 9.37 13.78
CA PHE A 149 -6.06 8.84 12.42
C PHE A 149 -7.30 7.93 12.54
N THR A 150 -8.43 8.39 11.99
CA THR A 150 -9.63 7.54 12.02
C THR A 150 -10.03 7.17 10.61
N ARG A 151 -10.28 5.87 10.44
CA ARG A 151 -10.61 5.28 9.14
C ARG A 151 -11.83 5.96 8.44
N GLU A 152 -11.75 6.20 7.13
CA GLU A 152 -12.87 6.76 6.35
C GLU A 152 -13.42 5.51 5.64
N MET B 1 2.46 -29.96 -9.87
CA MET B 1 2.22 -31.40 -10.04
C MET B 1 3.44 -32.17 -9.57
N ALA B 2 4.09 -31.61 -8.55
CA ALA B 2 5.37 -32.11 -8.02
C ALA B 2 6.22 -31.41 -9.06
N SER B 3 6.07 -30.08 -9.01
CA SER B 3 6.73 -29.15 -9.90
C SER B 3 5.65 -28.99 -10.98
N LEU B 4 5.01 -27.83 -10.96
CA LEU B 4 3.96 -27.51 -11.90
C LEU B 4 4.45 -27.68 -13.33
N GLU B 5 3.77 -28.49 -14.10
CA GLU B 5 4.10 -28.69 -15.53
C GLU B 5 3.81 -27.48 -16.34
N ASP B 6 4.65 -27.26 -17.35
CA ASP B 6 4.40 -26.18 -18.29
C ASP B 6 3.01 -26.35 -18.93
N GLY B 7 2.34 -25.24 -19.27
CA GLY B 7 1.06 -25.38 -19.90
C GLY B 7 0.24 -24.12 -19.75
N THR B 8 -1.01 -24.19 -20.20
CA THR B 8 -1.88 -23.05 -20.10
C THR B 8 -2.77 -23.22 -18.89
N TYR B 9 -2.92 -22.16 -18.11
CA TYR B 9 -3.74 -22.22 -16.92
C TYR B 9 -4.54 -20.95 -16.72
N ARG B 10 -5.51 -21.10 -15.84
CA ARG B 10 -6.23 -19.95 -15.24
C ARG B 10 -5.70 -19.96 -13.79
N LEU B 11 -5.70 -18.77 -13.19
CA LEU B 11 -5.17 -18.54 -11.86
C LEU B 11 -6.29 -17.90 -11.02
N ARG B 12 -6.75 -18.62 -10.01
CA ARG B 12 -7.87 -18.12 -9.19
C ARG B 12 -7.31 -17.67 -7.83
N ALA B 13 -7.72 -16.46 -7.38
CA ALA B 13 -7.22 -15.91 -6.08
C ALA B 13 -7.74 -16.68 -4.92
N VAL B 14 -6.85 -17.16 -4.07
CA VAL B 14 -7.31 -17.89 -2.88
C VAL B 14 -6.28 -17.51 -1.78
N THR B 15 -6.29 -18.22 -0.66
CA THR B 15 -5.29 -17.96 0.37
C THR B 15 -4.78 -19.30 0.92
N THR B 16 -3.69 -19.26 1.68
CA THR B 16 -3.19 -20.51 2.27
C THR B 16 -4.18 -21.09 3.31
N HIS B 17 -4.87 -20.22 4.06
CA HIS B 17 -5.86 -20.69 5.04
C HIS B 17 -7.19 -21.15 4.41
N ASN B 18 -7.52 -20.68 3.20
CA ASN B 18 -8.76 -21.12 2.54
C ASN B 18 -8.37 -21.31 1.06
N PRO B 19 -7.60 -22.40 0.76
CA PRO B 19 -7.10 -22.75 -0.56
C PRO B 19 -8.09 -23.28 -1.56
N ASP B 20 -9.22 -23.76 -1.08
CA ASP B 20 -10.13 -24.33 -2.07
C ASP B 20 -11.56 -23.93 -1.84
N PRO B 21 -11.89 -22.67 -2.14
CA PRO B 21 -13.26 -22.16 -1.96
C PRO B 21 -14.19 -22.78 -3.01
N GLY B 22 -15.49 -22.51 -2.87
CA GLY B 22 -16.44 -23.08 -3.81
C GLY B 22 -16.45 -22.32 -5.12
N VAL B 23 -17.43 -22.61 -5.97
CA VAL B 23 -17.57 -21.93 -7.26
C VAL B 23 -17.70 -20.41 -7.10
N GLY B 24 -17.24 -19.70 -8.14
CA GLY B 24 -17.26 -18.26 -8.14
C GLY B 24 -15.83 -17.75 -8.10
N GLY B 25 -15.62 -16.65 -7.37
CA GLY B 25 -14.26 -16.14 -7.21
C GLY B 25 -13.79 -15.25 -8.33
N GLU B 26 -12.53 -14.84 -8.22
CA GLU B 26 -11.98 -13.93 -9.17
C GLU B 26 -10.63 -14.53 -9.68
N TYR B 27 -10.45 -14.40 -10.98
CA TYR B 27 -9.30 -14.94 -11.69
C TYR B 27 -8.41 -13.83 -12.29
N ALA B 28 -7.09 -14.11 -12.42
CA ALA B 28 -6.16 -13.12 -13.00
C ALA B 28 -6.61 -12.88 -14.42
N THR B 29 -6.73 -11.59 -14.77
CA THR B 29 -7.34 -11.18 -16.02
C THR B 29 -6.53 -10.04 -16.67
N VAL B 30 -6.02 -10.24 -17.88
CA VAL B 30 -5.24 -9.19 -18.53
C VAL B 30 -6.20 -8.07 -18.88
N GLU B 31 -5.71 -6.84 -18.80
CA GLU B 31 -6.52 -5.68 -19.09
C GLU B 31 -5.77 -4.63 -19.89
N GLY B 32 -4.92 -5.08 -20.83
CA GLY B 32 -4.16 -4.16 -21.66
C GLY B 32 -2.66 -4.20 -21.49
N ALA B 33 -1.95 -4.05 -22.60
CA ALA B 33 -0.50 -4.08 -22.60
C ALA B 33 0.02 -2.99 -21.64
N ARG B 34 0.95 -3.37 -20.76
CA ARG B 34 1.51 -2.41 -19.79
C ARG B 34 0.51 -1.81 -18.78
N GLN B 35 -0.67 -2.42 -18.64
CA GLN B 35 -1.63 -1.96 -17.64
C GLN B 35 -1.74 -3.02 -16.52
N PRO B 36 -2.31 -2.67 -15.35
CA PRO B 36 -2.44 -3.63 -14.23
C PRO B 36 -3.32 -4.85 -14.58
N VAL B 37 -2.93 -6.02 -14.06
CA VAL B 37 -3.67 -7.24 -14.28
C VAL B 37 -4.76 -7.20 -13.18
N GLN B 38 -5.95 -7.62 -13.52
CA GLN B 38 -7.08 -7.51 -12.59
C GLN B 38 -7.67 -8.85 -12.20
N ALA B 39 -8.50 -8.86 -11.15
CA ALA B 39 -9.18 -10.06 -10.64
C ALA B 39 -10.63 -9.95 -11.11
N GLU B 40 -11.08 -10.85 -12.00
CA GLU B 40 -12.43 -10.75 -12.60
C GLU B 40 -13.13 -12.09 -12.42
N PRO B 41 -14.48 -12.11 -12.56
CA PRO B 41 -15.25 -13.32 -12.39
C PRO B 41 -15.16 -14.36 -13.50
N ASN B 42 -15.69 -15.52 -13.15
CA ASN B 42 -15.65 -16.70 -14.00
C ASN B 42 -16.85 -16.70 -14.94
N THR B 43 -16.88 -15.72 -15.84
CA THR B 43 -17.95 -15.66 -16.83
C THR B 43 -17.36 -15.65 -18.25
N PRO B 44 -18.12 -16.18 -19.23
CA PRO B 44 -17.69 -16.26 -20.63
C PRO B 44 -16.92 -15.07 -21.29
N PRO B 45 -17.29 -13.80 -21.00
CA PRO B 45 -16.63 -12.60 -21.58
C PRO B 45 -15.15 -12.38 -21.25
N PHE B 46 -14.80 -12.78 -20.04
CA PHE B 46 -13.46 -12.64 -19.50
C PHE B 46 -12.57 -13.85 -19.76
N PHE B 47 -13.17 -14.95 -20.18
CA PHE B 47 -12.36 -16.16 -20.28
C PHE B 47 -11.07 -16.11 -21.09
N GLU B 48 -11.12 -15.54 -22.29
CA GLU B 48 -9.92 -15.51 -23.10
C GLU B 48 -8.86 -14.61 -22.49
N ARG B 49 -9.26 -13.65 -21.65
CA ARG B 49 -8.28 -12.78 -21.03
C ARG B 49 -7.71 -13.42 -19.71
N GLN B 50 -8.20 -14.59 -19.34
CA GLN B 50 -7.78 -15.30 -18.11
C GLN B 50 -6.87 -16.52 -18.29
N ILE B 51 -6.48 -16.76 -19.54
CA ILE B 51 -5.60 -17.89 -19.88
C ILE B 51 -4.12 -17.44 -19.94
N TRP B 52 -3.25 -18.14 -19.20
CA TRP B 52 -1.82 -17.83 -19.13
C TRP B 52 -0.96 -19.04 -19.39
N GLN B 53 0.14 -18.78 -20.09
CA GLN B 53 1.10 -19.81 -20.43
C GLN B 53 2.13 -19.69 -19.31
N VAL B 54 2.29 -20.78 -18.60
CA VAL B 54 3.17 -20.84 -17.44
C VAL B 54 4.35 -21.72 -17.87
N THR B 55 5.54 -21.20 -17.75
CA THR B 55 6.72 -21.92 -18.20
C THR B 55 7.82 -21.91 -17.17
N ARG B 56 8.32 -23.09 -16.81
CA ARG B 56 9.43 -23.19 -15.89
C ARG B 56 10.81 -22.90 -16.63
N ASN B 57 11.67 -22.05 -16.08
CA ASN B 57 12.99 -21.75 -16.69
C ASN B 57 14.08 -22.71 -16.07
N ALA B 58 15.27 -22.77 -16.68
CA ALA B 58 16.34 -23.65 -16.18
C ALA B 58 16.61 -23.41 -14.69
N ASP B 59 16.34 -22.21 -14.26
CA ASP B 59 16.40 -21.74 -12.87
C ASP B 59 15.51 -22.45 -11.88
N GLY B 60 14.41 -22.95 -12.41
CA GLY B 60 13.41 -23.57 -11.54
C GLY B 60 12.34 -22.48 -11.25
N GLN B 61 12.52 -21.25 -11.79
CA GLN B 61 11.50 -20.18 -11.60
C GLN B 61 10.60 -20.15 -12.83
N TYR B 62 9.48 -19.43 -12.79
CA TYR B 62 8.47 -19.51 -13.85
C TYR B 62 8.04 -18.21 -14.37
N THR B 63 7.77 -18.14 -15.68
CA THR B 63 7.14 -16.95 -16.27
C THR B 63 5.64 -17.25 -16.50
N ILE B 64 4.82 -16.20 -16.40
CA ILE B 64 3.36 -16.33 -16.52
C ILE B 64 2.95 -15.33 -17.56
N LYS B 65 2.81 -15.83 -18.78
CA LYS B 65 2.57 -14.96 -19.93
C LYS B 65 1.16 -15.03 -20.49
N TYR B 66 0.72 -13.95 -21.11
CA TYR B 66 -0.59 -13.97 -21.74
C TYR B 66 -0.40 -14.34 -23.23
N GLN B 67 -0.86 -15.53 -23.60
CA GLN B 67 -0.76 -16.00 -24.98
C GLN B 67 -1.99 -15.52 -25.77
N GLY B 68 -2.07 -14.20 -25.96
CA GLY B 68 -3.19 -13.65 -26.71
C GLY B 68 -2.76 -13.29 -28.11
N LEU B 69 -2.73 -11.99 -28.42
CA LEU B 69 -2.32 -11.51 -29.73
C LEU B 69 -1.96 -10.03 -29.67
N ASN B 70 -2.12 -9.44 -28.48
CA ASN B 70 -1.80 -8.03 -28.25
C ASN B 70 -0.28 -7.93 -28.17
N ALA B 71 0.40 -8.40 -29.22
CA ALA B 71 1.86 -8.44 -29.39
C ALA B 71 2.39 -9.86 -29.26
N PRO B 72 3.34 -10.25 -30.12
CA PRO B 72 3.97 -11.57 -30.14
C PRO B 72 5.10 -11.64 -29.12
N PHE B 73 6.03 -10.68 -29.18
CA PHE B 73 7.10 -10.59 -28.19
C PHE B 73 6.19 -10.11 -27.07
N GLU B 74 5.74 -11.11 -26.33
CA GLU B 74 4.70 -10.97 -25.37
C GLU B 74 4.60 -10.11 -24.12
N TYR B 75 3.61 -10.38 -23.34
CA TYR B 75 3.32 -9.69 -22.14
C TYR B 75 3.09 -10.73 -21.05
N GLY B 76 3.35 -10.40 -19.82
CA GLY B 76 3.12 -11.32 -18.73
C GLY B 76 3.19 -10.68 -17.39
N PHE B 77 3.02 -11.45 -16.32
CA PHE B 77 3.08 -10.92 -14.99
C PHE B 77 4.37 -10.19 -14.95
N SER B 78 4.32 -8.92 -14.59
CA SER B 78 5.56 -8.16 -14.52
C SER B 78 5.43 -7.08 -13.43
N TYR B 79 6.44 -6.21 -13.38
CA TYR B 79 6.35 -5.10 -12.46
C TYR B 79 7.35 -4.07 -12.95
N ASP B 80 6.99 -2.81 -12.75
CA ASP B 80 7.90 -1.73 -13.07
C ASP B 80 8.67 -1.55 -11.73
N GLN B 81 8.05 -0.91 -10.73
CA GLN B 81 8.70 -0.80 -9.39
C GLN B 81 8.13 -1.90 -8.46
N LEU B 82 9.01 -2.58 -7.73
CA LEU B 82 8.58 -3.63 -6.84
C LEU B 82 8.49 -3.05 -5.45
N GLU B 83 7.30 -2.62 -5.10
CA GLU B 83 6.97 -1.96 -3.83
C GLU B 83 5.66 -2.41 -3.21
N PRO B 84 5.48 -2.21 -1.89
CA PRO B 84 4.25 -2.61 -1.22
C PRO B 84 3.03 -2.13 -2.00
N ASN B 85 2.17 -3.05 -2.42
CA ASN B 85 0.96 -2.73 -3.19
C ASN B 85 1.10 -2.25 -4.64
N ALA B 86 2.33 -2.18 -5.15
CA ALA B 86 2.48 -1.89 -6.54
C ALA B 86 1.63 -2.90 -7.35
N PRO B 87 1.09 -2.46 -8.49
CA PRO B 87 0.31 -3.44 -9.26
C PRO B 87 1.19 -4.45 -10.05
N VAL B 88 0.61 -5.64 -10.28
CA VAL B 88 1.24 -6.61 -11.16
C VAL B 88 0.88 -6.01 -12.54
N ILE B 89 1.87 -5.85 -13.41
CA ILE B 89 1.64 -5.25 -14.73
C ILE B 89 1.77 -6.31 -15.82
N ALA B 90 1.00 -6.18 -16.89
CA ALA B 90 1.17 -7.03 -18.04
C ALA B 90 2.32 -6.39 -18.78
N GLY B 91 3.54 -6.87 -18.51
CA GLY B 91 4.67 -6.26 -19.16
C GLY B 91 5.70 -7.29 -19.52
N ASP B 92 6.95 -6.86 -19.49
CA ASP B 92 8.10 -7.74 -19.76
C ASP B 92 8.04 -8.87 -18.70
N PRO B 93 7.67 -10.09 -19.11
CA PRO B 93 7.57 -11.21 -18.15
C PRO B 93 8.71 -11.35 -17.14
N LYS B 94 8.39 -11.39 -15.85
CA LYS B 94 9.42 -11.57 -14.84
C LYS B 94 9.37 -13.02 -14.37
N GLU B 95 10.38 -13.41 -13.60
CA GLU B 95 10.49 -14.77 -13.07
C GLU B 95 9.98 -14.80 -11.65
N TYR B 96 9.16 -15.83 -11.32
CA TYR B 96 8.60 -15.95 -10.00
C TYR B 96 8.91 -17.32 -9.44
N ILE B 97 8.91 -17.42 -8.11
CA ILE B 97 9.12 -18.68 -7.48
C ILE B 97 7.68 -19.13 -7.15
N LEU B 98 7.33 -20.37 -7.51
CA LEU B 98 5.97 -20.86 -7.24
C LEU B 98 6.06 -21.81 -6.04
N GLN B 99 5.38 -21.46 -4.98
CA GLN B 99 5.46 -22.24 -3.74
C GLN B 99 4.19 -23.03 -3.45
N LEU B 100 4.21 -24.35 -3.74
CA LEU B 100 3.04 -25.22 -3.45
C LEU B 100 2.53 -25.10 -2.01
N VAL B 101 1.21 -24.85 -1.86
CA VAL B 101 0.61 -24.69 -0.53
C VAL B 101 0.27 -26.07 0.06
N PRO B 102 0.69 -26.30 1.33
CA PRO B 102 0.39 -27.60 1.97
C PRO B 102 -1.11 -27.96 1.97
N SER B 103 -1.36 -29.25 1.72
CA SER B 103 -2.69 -29.88 1.58
C SER B 103 -3.29 -29.78 0.14
N THR B 104 -2.59 -29.11 -0.78
CA THR B 104 -3.11 -28.95 -2.11
C THR B 104 -2.19 -29.56 -3.13
N ALA B 105 -2.73 -29.72 -4.32
CA ALA B 105 -1.94 -30.24 -5.41
C ALA B 105 -1.80 -29.14 -6.48
N ASP B 106 -2.56 -28.05 -6.34
CA ASP B 106 -2.60 -27.11 -7.41
C ASP B 106 -2.66 -25.60 -6.98
N VAL B 107 -2.40 -25.32 -5.72
CA VAL B 107 -2.41 -23.95 -5.26
C VAL B 107 -0.96 -23.54 -4.97
N TYR B 108 -0.54 -22.35 -5.46
CA TYR B 108 0.80 -21.87 -5.29
C TYR B 108 0.86 -20.40 -4.86
N ILE B 109 1.79 -20.09 -4.00
CA ILE B 109 1.98 -18.68 -3.67
C ILE B 109 2.92 -18.27 -4.80
N ILE B 110 2.69 -17.08 -5.36
CA ILE B 110 3.52 -16.58 -6.46
C ILE B 110 4.43 -15.52 -5.85
N ARG B 111 5.72 -15.89 -5.70
CA ARG B 111 6.70 -15.05 -5.02
C ARG B 111 7.66 -14.35 -5.98
N ALA B 112 7.87 -13.04 -5.77
CA ALA B 112 8.76 -12.23 -6.60
C ALA B 112 10.02 -12.08 -5.80
N PRO B 113 11.12 -12.74 -6.19
CA PRO B 113 12.43 -12.66 -5.49
C PRO B 113 12.84 -11.18 -5.28
N ILE B 114 13.41 -10.85 -4.12
CA ILE B 114 13.85 -9.47 -3.83
C ILE B 114 14.99 -9.57 -2.84
N GLN B 115 15.76 -8.50 -2.64
CA GLN B 115 16.92 -8.60 -1.71
C GLN B 115 16.80 -8.03 -0.29
N ARG B 116 15.58 -8.03 0.24
CA ARG B 116 15.36 -7.52 1.56
C ARG B 116 15.27 -8.71 2.49
N VAL B 117 16.21 -8.77 3.43
CA VAL B 117 16.20 -9.87 4.35
C VAL B 117 14.91 -9.86 5.17
N GLY B 118 14.42 -11.06 5.45
CA GLY B 118 13.23 -11.23 6.25
C GLY B 118 11.91 -10.78 5.63
N VAL B 119 11.88 -10.54 4.33
CA VAL B 119 10.64 -10.19 3.62
C VAL B 119 10.33 -11.12 2.42
N ASP B 120 9.05 -11.35 2.16
CA ASP B 120 8.66 -12.20 1.01
C ASP B 120 7.65 -11.36 0.25
N VAL B 121 7.85 -11.17 -1.03
CA VAL B 121 6.91 -10.35 -1.79
C VAL B 121 6.09 -11.38 -2.56
N GLU B 122 4.76 -11.34 -2.40
CA GLU B 122 3.85 -12.32 -2.98
C GLU B 122 2.67 -11.68 -3.70
N VAL B 123 2.30 -12.26 -4.83
CA VAL B 123 1.20 -11.70 -5.58
C VAL B 123 -0.15 -11.89 -4.84
N GLY B 124 -0.83 -10.77 -4.60
CA GLY B 124 -2.09 -10.85 -3.90
C GLY B 124 -3.09 -9.94 -4.60
N VAL B 125 -4.17 -9.56 -3.93
CA VAL B 125 -5.19 -8.71 -4.55
C VAL B 125 -5.51 -7.50 -3.67
N GLN B 126 -5.56 -6.30 -4.25
CA GLN B 126 -6.05 -5.14 -3.52
C GLN B 126 -7.28 -4.65 -4.31
N GLY B 127 -8.48 -4.78 -3.75
CA GLY B 127 -9.68 -4.37 -4.49
C GLY B 127 -9.95 -5.42 -5.58
N ASN B 128 -9.79 -5.05 -6.86
CA ASN B 128 -9.89 -6.02 -7.97
C ASN B 128 -8.60 -5.95 -8.82
N THR B 129 -7.51 -5.48 -8.21
CA THR B 129 -6.20 -5.38 -8.91
C THR B 129 -5.23 -6.34 -8.24
N LEU B 130 -4.43 -7.05 -9.06
CA LEU B 130 -3.35 -7.93 -8.52
C LEU B 130 -2.21 -6.95 -8.17
N VAL B 131 -1.63 -7.12 -6.98
CA VAL B 131 -0.55 -6.28 -6.49
C VAL B 131 0.42 -7.16 -5.75
N TYR B 132 1.59 -6.59 -5.50
CA TYR B 132 2.64 -7.22 -4.73
C TYR B 132 2.44 -6.90 -3.23
N LYS B 133 2.30 -7.95 -2.44
CA LYS B 133 2.10 -7.82 -1.01
C LYS B 133 3.38 -8.23 -0.30
N PHE B 134 3.86 -7.35 0.61
CA PHE B 134 5.12 -7.61 1.34
C PHE B 134 4.78 -8.27 2.69
N PHE B 135 5.41 -9.41 3.00
CA PHE B 135 5.11 -10.08 4.26
C PHE B 135 6.35 -10.41 5.01
N PRO B 136 6.29 -10.46 6.34
CA PRO B 136 7.56 -10.83 6.98
C PRO B 136 7.71 -12.35 6.92
N VAL B 137 8.95 -12.81 6.79
CA VAL B 137 9.24 -14.23 6.85
C VAL B 137 9.43 -14.46 8.34
N ASP B 138 8.32 -14.60 9.03
CA ASP B 138 8.35 -14.69 10.50
C ASP B 138 8.05 -16.04 11.12
N GLY B 139 7.79 -17.04 10.29
CA GLY B 139 7.56 -18.37 10.82
C GLY B 139 6.24 -18.44 11.55
N SER B 140 5.38 -17.46 11.29
CA SER B 140 4.09 -17.37 11.98
C SER B 140 3.01 -18.37 11.55
N GLY B 141 3.04 -18.81 10.30
CA GLY B 141 1.95 -19.65 9.87
C GLY B 141 0.76 -18.75 9.54
N GLY B 142 0.99 -17.43 9.52
CA GLY B 142 -0.09 -16.49 9.19
C GLY B 142 -0.67 -16.68 7.75
N ASP B 143 -1.85 -16.11 7.49
CA ASP B 143 -2.48 -16.27 6.19
C ASP B 143 -1.66 -15.59 5.06
N ARG B 144 -1.58 -16.20 3.87
CA ARG B 144 -0.87 -15.59 2.73
C ARG B 144 -1.73 -15.71 1.44
N PRO B 145 -1.54 -14.82 0.47
CA PRO B 145 -2.36 -14.96 -0.74
C PRO B 145 -1.75 -16.08 -1.57
N ALA B 146 -2.59 -16.83 -2.27
CA ALA B 146 -2.09 -17.85 -3.18
C ALA B 146 -3.05 -17.93 -4.35
N TRP B 147 -2.71 -18.81 -5.30
CA TRP B 147 -3.45 -18.91 -6.52
C TRP B 147 -3.68 -20.34 -6.94
N ARG B 148 -4.93 -20.71 -7.22
CA ARG B 148 -5.18 -22.04 -7.67
C ARG B 148 -4.98 -22.00 -9.21
N PHE B 149 -4.10 -22.88 -9.68
CA PHE B 149 -3.75 -23.04 -11.07
C PHE B 149 -4.60 -24.21 -11.63
N THR B 150 -5.47 -23.89 -12.56
CA THR B 150 -6.31 -24.92 -13.18
C THR B 150 -5.84 -25.05 -14.63
N ARG B 151 -5.40 -26.25 -15.01
CA ARG B 151 -4.94 -26.52 -16.36
C ARG B 151 -6.04 -26.34 -17.39
N GLU B 152 -5.73 -25.61 -18.45
CA GLU B 152 -6.70 -25.38 -19.52
C GLU B 152 -6.12 -25.90 -20.87
#